data_8V71
#
_entry.id   8V71
#
_cell.length_a   78.333
_cell.length_b   78.333
_cell.length_c   85.123
_cell.angle_alpha   90.00
_cell.angle_beta   90.00
_cell.angle_gamma   90.00
#
_symmetry.space_group_name_H-M   'P 42 21 2'
#
loop_
_entity.id
_entity.type
_entity.pdbx_description
1 polymer 'Inositol polyphosphate multikinase'
2 non-polymer (5M)-5-(1H-tetrazol-5-yl)-3-[4-(trifluoromethyl)phenyl]-2,1-benzoxazole
3 water water
#
_entity_poly.entity_id   1
_entity_poly.type   'polypeptide(L)'
_entity_poly.pdbx_seq_one_letter_code
;GSFTSHQVAGHMYGKDKVGILQHPDGTVLKQLQPPPRGPRELEFYNMVYAADCFDGVLLELRKYLPKYYGIWSPPTAPND
LYLKLEDVTHKFNKPCIMDVKIGQKSYDPFASSEKIQQQVSKYPLMEEIGFLVLGMRVYHVHSDSYETENQHYGRSLTKE
TIKDGVSRFFHNGYCLRKDAVAASIQKIEKILQWFENQKQLNFYASSLLFVYEGSSQGGSGGEVEVRMIDFAHVFPSNTI
DEGYVYGLKHLISVLRSILDN
;
_entity_poly.pdbx_strand_id   A
#
# COMPACT_ATOMS: atom_id res chain seq x y z
N ILE A 20 4.37 -7.94 10.83
CA ILE A 20 4.15 -6.60 11.44
C ILE A 20 3.70 -6.79 12.89
N LEU A 21 4.46 -6.20 13.83
CA LEU A 21 4.13 -6.20 15.24
C LEU A 21 3.63 -4.81 15.62
N GLN A 22 2.38 -4.72 16.07
CA GLN A 22 1.83 -3.45 16.56
C GLN A 22 2.28 -3.25 18.00
N HIS A 23 2.88 -2.09 18.27
CA HIS A 23 3.40 -1.75 19.59
C HIS A 23 2.51 -0.64 20.16
N PRO A 24 2.07 -0.73 21.44
CA PRO A 24 1.21 0.30 22.03
C PRO A 24 1.70 1.75 21.97
N ASP A 25 2.97 1.96 21.61
CA ASP A 25 3.56 3.30 21.53
C ASP A 25 3.20 3.98 20.21
N GLY A 26 2.40 3.33 19.37
CA GLY A 26 1.91 3.93 18.13
C GLY A 26 2.84 3.65 16.94
N THR A 27 3.73 2.67 17.10
CA THR A 27 4.61 2.26 16.01
C THR A 27 4.34 0.79 15.69
N VAL A 28 4.82 0.38 14.51
CA VAL A 28 4.91 -1.03 14.18
C VAL A 28 6.39 -1.38 14.02
N LEU A 29 6.71 -2.65 14.29
CA LEU A 29 8.03 -3.20 14.02
C LEU A 29 7.89 -4.16 12.86
N LYS A 30 8.57 -3.84 11.75
CA LYS A 30 8.58 -4.73 10.61
C LYS A 30 9.92 -5.41 10.51
N GLN A 31 9.90 -6.74 10.60
CA GLN A 31 11.11 -7.54 10.49
C GLN A 31 11.63 -7.44 9.06
N LEU A 32 12.93 -7.17 8.92
CA LEU A 32 13.57 -7.19 7.61
C LEU A 32 13.35 -8.55 6.97
N GLN A 33 12.83 -8.54 5.73
CA GLN A 33 12.70 -9.75 4.94
C GLN A 33 14.09 -10.30 4.60
N PRO A 34 14.22 -11.59 4.24
CA PRO A 34 15.51 -12.16 3.82
C PRO A 34 16.16 -11.39 2.68
N PRO A 35 17.52 -11.42 2.56
CA PRO A 35 18.20 -10.69 1.49
C PRO A 35 17.79 -11.23 0.12
N PRO A 36 17.71 -10.38 -0.93
CA PRO A 36 18.07 -8.96 -0.85
C PRO A 36 16.95 -7.98 -0.45
N ARG A 37 15.75 -8.51 -0.15
CA ARG A 37 14.56 -7.68 -0.01
C ARG A 37 14.64 -6.81 1.24
N GLY A 38 14.93 -7.42 2.39
CA GLY A 38 14.99 -6.66 3.64
C GLY A 38 16.01 -5.53 3.58
N PRO A 39 17.29 -5.82 3.24
CA PRO A 39 18.31 -4.78 3.10
C PRO A 39 17.93 -3.66 2.13
N ARG A 40 17.23 -4.00 1.05
CA ARG A 40 16.79 -3.00 0.08
C ARG A 40 15.78 -2.04 0.71
N GLU A 41 14.83 -2.59 1.48
CA GLU A 41 13.83 -1.76 2.12
C GLU A 41 14.48 -0.85 3.17
N LEU A 42 15.46 -1.37 3.91
CA LEU A 42 16.20 -0.55 4.86
C LEU A 42 16.85 0.63 4.14
N GLU A 43 17.52 0.39 3.02
CA GLU A 43 18.26 1.46 2.34
C GLU A 43 17.29 2.47 1.74
N PHE A 44 16.11 2.01 1.32
CA PHE A 44 15.10 2.93 0.81
C PHE A 44 14.73 3.94 1.89
N TYR A 45 14.36 3.44 3.08
CA TYR A 45 13.98 4.32 4.18
C TYR A 45 15.14 5.23 4.59
N ASN A 46 16.37 4.71 4.56
CA ASN A 46 17.54 5.50 4.92
C ASN A 46 17.77 6.63 3.91
N MET A 47 17.53 6.37 2.62
CA MET A 47 17.73 7.36 1.58
C MET A 47 16.70 8.49 1.72
N VAL A 48 15.42 8.12 1.87
CA VAL A 48 14.32 9.07 1.85
C VAL A 48 14.40 9.97 3.09
N TYR A 49 14.73 9.37 4.24
CA TYR A 49 14.67 10.05 5.52
C TYR A 49 16.08 10.49 5.96
N ALA A 50 17.05 10.46 5.04
CA ALA A 50 18.37 11.00 5.30
C ALA A 50 18.22 12.40 5.86
N ALA A 51 18.78 12.61 7.06
CA ALA A 51 18.59 13.84 7.80
C ALA A 51 19.18 15.05 7.05
N ASP A 52 20.12 14.78 6.14
CA ASP A 52 20.76 15.82 5.34
C ASP A 52 20.23 15.83 3.91
N CYS A 53 19.07 15.21 3.67
CA CYS A 53 18.44 15.22 2.35
C CYS A 53 17.68 16.52 2.15
N PHE A 54 17.95 17.20 1.02
CA PHE A 54 17.18 18.35 0.60
C PHE A 54 16.72 18.18 -0.84
N ASP A 55 16.55 16.92 -1.26
CA ASP A 55 15.97 16.60 -2.56
C ASP A 55 14.46 16.83 -2.48
N GLY A 56 13.95 17.77 -3.29
CA GLY A 56 12.55 18.16 -3.25
C GLY A 56 11.60 17.00 -3.47
N VAL A 57 11.97 16.07 -4.36
CA VAL A 57 11.16 14.91 -4.66
C VAL A 57 11.05 14.04 -3.40
N LEU A 58 12.18 13.82 -2.72
CA LEU A 58 12.22 12.91 -1.59
C LEU A 58 11.56 13.54 -0.35
N LEU A 59 11.70 14.85 -0.18
CA LEU A 59 11.08 15.54 0.94
C LEU A 59 9.55 15.48 0.82
N GLU A 60 9.04 15.62 -0.42
CA GLU A 60 7.61 15.49 -0.66
C GLU A 60 7.15 14.04 -0.42
N LEU A 61 8.00 13.07 -0.80
CA LEU A 61 7.62 11.67 -0.70
C LEU A 61 7.35 11.28 0.75
N ARG A 62 8.12 11.85 1.68
CA ARG A 62 7.96 11.58 3.11
C ARG A 62 6.51 11.76 3.57
N LYS A 63 5.77 12.67 2.92
CA LYS A 63 4.39 12.96 3.30
C LYS A 63 3.51 11.71 3.17
N TYR A 64 3.86 10.80 2.26
CA TYR A 64 3.00 9.69 1.87
C TYR A 64 3.46 8.35 2.45
N LEU A 65 4.58 8.37 3.20
N LEU A 65 4.57 8.37 3.21
CA LEU A 65 5.14 7.17 3.80
CA LEU A 65 5.14 7.19 3.82
C LEU A 65 4.82 7.15 5.30
C LEU A 65 4.75 7.13 5.29
N PRO A 66 4.95 5.98 5.97
CA PRO A 66 4.97 5.96 7.43
C PRO A 66 6.20 6.78 7.85
N LYS A 67 6.06 7.54 8.94
CA LYS A 67 7.24 8.14 9.57
C LYS A 67 8.21 7.01 9.92
N TYR A 68 9.50 7.31 9.79
CA TYR A 68 10.56 6.34 9.96
C TYR A 68 11.40 6.71 11.19
N TYR A 69 11.56 5.73 12.10
CA TYR A 69 12.24 5.93 13.38
C TYR A 69 13.58 5.22 13.40
N GLY A 70 13.98 4.67 12.25
CA GLY A 70 15.29 4.06 12.10
C GLY A 70 15.24 2.55 12.29
N ILE A 71 16.41 1.92 12.12
CA ILE A 71 16.57 0.50 12.36
C ILE A 71 16.44 0.24 13.86
N TRP A 72 15.85 -0.91 14.22
CA TRP A 72 15.73 -1.34 15.60
C TRP A 72 16.05 -2.83 15.70
N SER A 73 16.75 -3.21 16.77
CA SER A 73 16.96 -4.61 17.11
C SER A 73 16.80 -4.80 18.61
N PRO A 74 16.38 -5.99 19.09
CA PRO A 74 16.25 -6.24 20.52
C PRO A 74 17.58 -6.03 21.23
N PRO A 75 17.58 -5.43 22.44
CA PRO A 75 18.80 -5.19 23.20
C PRO A 75 19.75 -6.37 23.29
N THR A 76 19.20 -7.59 23.36
CA THR A 76 19.98 -8.79 23.53
C THR A 76 20.14 -9.58 22.22
N ALA A 77 19.74 -8.99 21.08
CA ALA A 77 19.75 -9.71 19.81
C ALA A 77 20.01 -8.76 18.65
N PRO A 78 21.25 -8.22 18.50
CA PRO A 78 21.55 -7.30 17.39
C PRO A 78 21.46 -7.91 16.00
N ASN A 79 21.40 -9.24 15.92
CA ASN A 79 21.21 -9.97 14.68
C ASN A 79 19.79 -9.79 14.12
N ASP A 80 18.83 -9.50 15.00
CA ASP A 80 17.41 -9.51 14.64
C ASP A 80 16.98 -8.10 14.26
N LEU A 81 16.90 -7.83 12.95
CA LEU A 81 16.74 -6.48 12.43
C LEU A 81 15.28 -6.18 12.13
N TYR A 82 14.81 -5.02 12.60
CA TYR A 82 13.48 -4.51 12.28
C TYR A 82 13.57 -3.06 11.79
N LEU A 83 12.52 -2.63 11.08
CA LEU A 83 12.23 -1.23 10.86
C LEU A 83 11.18 -0.80 11.86
N LYS A 84 11.42 0.35 12.51
CA LYS A 84 10.44 0.96 13.40
C LYS A 84 9.73 2.04 12.61
N LEU A 85 8.43 1.83 12.38
CA LEU A 85 7.62 2.68 11.51
C LEU A 85 6.41 3.18 12.28
N GLU A 86 5.90 4.35 11.89
CA GLU A 86 4.60 4.83 12.31
C GLU A 86 3.53 3.75 12.08
N ASP A 87 2.69 3.52 13.10
CA ASP A 87 1.49 2.72 12.94
C ASP A 87 0.38 3.65 12.44
N VAL A 88 0.05 3.53 11.15
CA VAL A 88 -0.85 4.45 10.47
C VAL A 88 -2.28 4.24 10.96
N THR A 89 -2.54 3.12 11.66
CA THR A 89 -3.89 2.80 12.12
C THR A 89 -4.12 3.28 13.56
N HIS A 90 -3.08 3.83 14.22
CA HIS A 90 -3.09 4.03 15.66
C HIS A 90 -4.16 5.04 16.11
N LYS A 91 -4.44 6.06 15.29
CA LYS A 91 -5.29 7.15 15.74
C LYS A 91 -6.77 6.82 15.56
N PHE A 92 -7.07 5.61 15.05
CA PHE A 92 -8.43 5.20 14.76
C PHE A 92 -9.01 4.39 15.92
N ASN A 93 -10.34 4.47 16.07
CA ASN A 93 -11.08 3.73 17.07
C ASN A 93 -11.33 2.29 16.57
N LYS A 94 -12.04 2.19 15.44
CA LYS A 94 -12.29 0.92 14.78
C LYS A 94 -11.71 0.99 13.37
N PRO A 95 -10.37 0.90 13.21
CA PRO A 95 -9.76 1.05 11.89
C PRO A 95 -10.21 -0.05 10.93
N CYS A 96 -10.67 0.38 9.75
CA CYS A 96 -10.89 -0.49 8.62
C CYS A 96 -9.67 -0.37 7.72
N ILE A 97 -9.04 -1.51 7.39
CA ILE A 97 -7.72 -1.54 6.81
C ILE A 97 -7.75 -2.36 5.52
N MET A 98 -7.16 -1.82 4.46
CA MET A 98 -7.00 -2.57 3.22
C MET A 98 -5.62 -2.29 2.64
N ASP A 99 -4.93 -3.36 2.22
CA ASP A 99 -3.62 -3.31 1.60
C ASP A 99 -3.80 -3.62 0.12
N VAL A 100 -3.37 -2.71 -0.76
CA VAL A 100 -3.50 -2.89 -2.20
C VAL A 100 -2.13 -2.77 -2.85
N LYS A 101 -1.67 -3.85 -3.49
CA LYS A 101 -0.43 -3.82 -4.25
C LYS A 101 -0.68 -3.05 -5.55
N ILE A 102 0.26 -2.15 -5.91
CA ILE A 102 0.09 -1.27 -7.06
C ILE A 102 1.13 -1.62 -8.13
N GLY A 103 0.69 -1.62 -9.39
CA GLY A 103 1.59 -1.72 -10.53
C GLY A 103 1.14 -2.79 -11.53
N GLN A 104 1.80 -2.82 -12.70
CA GLN A 104 1.51 -3.83 -13.71
C GLN A 104 2.43 -5.04 -13.54
N LYS A 105 3.60 -4.82 -12.92
CA LYS A 105 4.57 -5.87 -12.72
C LYS A 105 4.90 -5.92 -11.23
N SER A 106 4.83 -7.11 -10.62
CA SER A 106 5.24 -7.29 -9.24
C SER A 106 6.58 -8.02 -9.19
N TYR A 107 7.22 -8.17 -10.36
CA TYR A 107 8.62 -8.54 -10.45
C TYR A 107 9.44 -7.30 -10.78
N ASP A 108 10.72 -7.33 -10.43
CA ASP A 108 11.56 -6.15 -10.55
C ASP A 108 12.51 -6.33 -11.74
N PRO A 109 13.30 -5.28 -12.09
CA PRO A 109 14.15 -5.31 -13.28
C PRO A 109 15.23 -6.39 -13.32
N PHE A 110 15.50 -7.02 -12.16
CA PHE A 110 16.58 -7.99 -12.04
C PHE A 110 16.03 -9.41 -11.88
N ALA A 111 14.74 -9.59 -12.19
CA ALA A 111 14.08 -10.88 -12.04
C ALA A 111 14.53 -11.84 -13.14
N SER A 112 14.84 -13.08 -12.75
CA SER A 112 15.05 -14.18 -13.68
C SER A 112 13.72 -14.58 -14.33
N SER A 113 13.81 -15.34 -15.43
CA SER A 113 12.62 -15.85 -16.10
C SER A 113 11.76 -16.65 -15.12
N GLU A 114 12.41 -17.44 -14.27
CA GLU A 114 11.76 -18.26 -13.26
C GLU A 114 10.96 -17.38 -12.30
N LYS A 115 11.61 -16.34 -11.76
CA LYS A 115 11.01 -15.44 -10.79
C LYS A 115 9.87 -14.65 -11.45
N ILE A 116 10.07 -14.21 -12.70
CA ILE A 116 9.02 -13.49 -13.42
C ILE A 116 7.78 -14.38 -13.52
N GLN A 117 7.99 -15.64 -13.91
CA GLN A 117 6.89 -16.61 -14.00
C GLN A 117 6.25 -16.83 -12.64
N GLN A 118 7.09 -16.95 -11.60
CA GLN A 118 6.62 -17.14 -10.24
C GLN A 118 5.72 -15.97 -9.86
N GLN A 119 6.15 -14.75 -10.17
CA GLN A 119 5.43 -13.54 -9.77
C GLN A 119 4.16 -13.36 -10.58
N VAL A 120 4.23 -13.57 -11.91
CA VAL A 120 3.06 -13.36 -12.75
C VAL A 120 1.99 -14.39 -12.37
N SER A 121 2.40 -15.63 -12.07
CA SER A 121 1.47 -16.70 -11.75
C SER A 121 0.74 -16.46 -10.41
N LYS A 122 1.39 -15.75 -9.48
CA LYS A 122 0.77 -15.40 -8.21
C LYS A 122 -0.53 -14.63 -8.45
N TYR A 123 -0.52 -13.77 -9.48
CA TYR A 123 -1.71 -13.07 -9.92
C TYR A 123 -1.53 -12.64 -11.37
N PRO A 124 -1.91 -13.48 -12.35
CA PRO A 124 -1.63 -13.18 -13.75
C PRO A 124 -2.40 -12.00 -14.33
N LEU A 125 -3.33 -11.43 -13.56
CA LEU A 125 -4.13 -10.29 -14.03
C LEU A 125 -3.51 -8.94 -13.66
N MET A 126 -2.26 -8.94 -13.18
N MET A 126 -2.27 -8.92 -13.16
CA MET A 126 -1.64 -7.73 -12.65
CA MET A 126 -1.66 -7.72 -12.63
C MET A 126 -1.48 -6.70 -13.76
C MET A 126 -1.48 -6.70 -13.76
N GLU A 127 -1.03 -7.15 -14.95
CA GLU A 127 -0.77 -6.26 -16.07
C GLU A 127 -2.06 -5.56 -16.52
N GLU A 128 -3.18 -6.31 -16.49
CA GLU A 128 -4.46 -5.81 -16.98
C GLU A 128 -5.09 -4.83 -15.99
N ILE A 129 -5.03 -5.13 -14.70
CA ILE A 129 -5.79 -4.36 -13.72
C ILE A 129 -4.90 -3.28 -13.09
N GLY A 130 -3.63 -3.59 -12.85
CA GLY A 130 -2.68 -2.61 -12.34
C GLY A 130 -2.69 -2.49 -10.81
N PHE A 131 -3.46 -3.35 -10.15
CA PHE A 131 -3.51 -3.39 -8.70
C PHE A 131 -4.10 -4.72 -8.26
N LEU A 132 -3.77 -5.13 -7.03
CA LEU A 132 -4.22 -6.38 -6.44
C LEU A 132 -4.51 -6.16 -4.96
N VAL A 133 -5.72 -6.53 -4.51
CA VAL A 133 -6.07 -6.42 -3.11
C VAL A 133 -5.37 -7.56 -2.35
N LEU A 134 -4.53 -7.21 -1.39
CA LEU A 134 -3.76 -8.19 -0.63
C LEU A 134 -4.58 -8.70 0.56
N GLY A 135 -5.47 -7.84 1.08
CA GLY A 135 -6.33 -8.23 2.17
C GLY A 135 -7.11 -7.03 2.70
N MET A 136 -8.15 -7.29 3.49
CA MET A 136 -8.87 -6.21 4.14
C MET A 136 -9.44 -6.69 5.47
N ARG A 137 -9.64 -5.73 6.37
CA ARG A 137 -10.32 -5.92 7.64
C ARG A 137 -11.37 -4.81 7.74
N VAL A 138 -12.65 -5.20 7.80
CA VAL A 138 -13.76 -4.25 7.71
C VAL A 138 -14.61 -4.36 8.96
N TYR A 139 -14.83 -3.23 9.64
CA TYR A 139 -15.69 -3.17 10.81
C TYR A 139 -17.15 -3.16 10.38
N HIS A 140 -17.94 -4.09 10.95
CA HIS A 140 -19.38 -4.13 10.75
C HIS A 140 -20.06 -3.58 12.00
N VAL A 141 -20.83 -2.51 11.83
CA VAL A 141 -21.36 -1.73 12.94
C VAL A 141 -22.42 -2.54 13.69
N HIS A 142 -23.31 -3.21 12.94
CA HIS A 142 -24.47 -3.87 13.52
C HIS A 142 -24.06 -5.02 14.44
N SER A 143 -22.93 -5.68 14.13
CA SER A 143 -22.48 -6.83 14.90
C SER A 143 -21.31 -6.46 15.83
N ASP A 144 -20.83 -5.22 15.73
CA ASP A 144 -19.65 -4.78 16.47
C ASP A 144 -18.52 -5.78 16.27
N SER A 145 -18.25 -6.12 15.01
CA SER A 145 -17.30 -7.16 14.68
C SER A 145 -16.61 -6.86 13.35
N TYR A 146 -15.54 -7.61 13.07
CA TYR A 146 -14.74 -7.46 11.87
C TYR A 146 -14.97 -8.63 10.92
N GLU A 147 -15.02 -8.31 9.61
CA GLU A 147 -14.89 -9.31 8.55
C GLU A 147 -13.55 -9.09 7.87
N THR A 148 -12.78 -10.18 7.69
CA THR A 148 -11.46 -10.12 7.10
C THR A 148 -11.41 -10.94 5.82
N GLU A 149 -10.62 -10.46 4.85
CA GLU A 149 -10.33 -11.18 3.63
C GLU A 149 -8.81 -11.35 3.51
N ASN A 150 -8.37 -12.52 3.04
CA ASN A 150 -6.96 -12.83 2.87
C ASN A 150 -6.57 -12.65 1.40
N GLN A 151 -5.35 -13.07 1.05
CA GLN A 151 -4.76 -12.84 -0.26
C GLN A 151 -5.57 -13.51 -1.38
N HIS A 152 -6.29 -14.59 -1.06
CA HIS A 152 -7.04 -15.33 -2.06
C HIS A 152 -8.25 -14.55 -2.55
N TYR A 153 -8.75 -13.61 -1.73
CA TYR A 153 -9.88 -12.77 -2.11
C TYR A 153 -9.49 -11.91 -3.33
N GLY A 154 -8.45 -11.09 -3.17
CA GLY A 154 -8.02 -10.18 -4.21
C GLY A 154 -7.51 -10.91 -5.46
N ARG A 155 -6.84 -12.05 -5.24
CA ARG A 155 -6.30 -12.85 -6.32
C ARG A 155 -7.41 -13.55 -7.11
N SER A 156 -8.64 -13.56 -6.57
N SER A 156 -8.64 -13.57 -6.57
CA SER A 156 -9.78 -14.17 -7.22
CA SER A 156 -9.78 -14.17 -7.25
C SER A 156 -10.61 -13.13 -7.99
C SER A 156 -10.51 -13.15 -8.11
N LEU A 157 -10.26 -11.85 -7.89
CA LEU A 157 -11.01 -10.79 -8.55
C LEU A 157 -10.56 -10.64 -10.00
N THR A 158 -11.53 -10.37 -10.88
CA THR A 158 -11.32 -10.19 -12.31
C THR A 158 -11.83 -8.82 -12.73
N LYS A 159 -11.70 -8.50 -14.02
CA LYS A 159 -12.16 -7.22 -14.56
C LYS A 159 -13.66 -7.06 -14.28
N GLU A 160 -14.39 -8.19 -14.33
CA GLU A 160 -15.83 -8.19 -14.14
C GLU A 160 -16.21 -7.88 -12.69
N THR A 161 -15.33 -8.23 -11.74
CA THR A 161 -15.70 -8.27 -10.33
C THR A 161 -14.87 -7.32 -9.46
N ILE A 162 -13.93 -6.56 -10.06
CA ILE A 162 -13.01 -5.76 -9.27
C ILE A 162 -13.77 -4.62 -8.58
N LYS A 163 -14.77 -4.04 -9.26
CA LYS A 163 -15.49 -2.92 -8.69
C LYS A 163 -16.20 -3.35 -7.40
N ASP A 164 -16.93 -4.47 -7.47
CA ASP A 164 -17.64 -5.00 -6.32
C ASP A 164 -16.65 -5.48 -5.26
N GLY A 165 -15.50 -6.02 -5.71
CA GLY A 165 -14.47 -6.52 -4.82
C GLY A 165 -13.89 -5.42 -3.94
N VAL A 166 -13.67 -4.24 -4.53
CA VAL A 166 -13.13 -3.09 -3.79
C VAL A 166 -14.23 -2.46 -2.93
N SER A 167 -15.46 -2.38 -3.46
N SER A 167 -15.44 -2.33 -3.49
CA SER A 167 -16.54 -1.70 -2.75
CA SER A 167 -16.59 -1.77 -2.80
C SER A 167 -16.88 -2.41 -1.43
C SER A 167 -16.74 -2.37 -1.39
N ARG A 168 -16.52 -3.69 -1.30
CA ARG A 168 -16.74 -4.42 -0.06
C ARG A 168 -16.00 -3.79 1.13
N PHE A 169 -14.80 -3.27 0.88
CA PHE A 169 -14.00 -2.61 1.91
C PHE A 169 -14.80 -1.51 2.60
N PHE A 170 -15.63 -0.80 1.82
CA PHE A 170 -16.28 0.43 2.25
C PHE A 170 -17.73 0.20 2.69
N HIS A 171 -18.16 -1.06 2.80
CA HIS A 171 -19.52 -1.37 3.24
C HIS A 171 -19.46 -1.88 4.69
N ASN A 172 -20.19 -1.20 5.58
CA ASN A 172 -20.07 -1.41 7.02
C ASN A 172 -21.20 -2.30 7.53
N GLY A 173 -21.92 -2.97 6.62
CA GLY A 173 -23.05 -3.81 6.98
C GLY A 173 -24.38 -3.05 6.87
N TYR A 174 -24.33 -1.73 7.10
CA TYR A 174 -25.51 -0.87 7.06
C TYR A 174 -25.55 -0.13 5.72
N CYS A 175 -24.44 0.54 5.37
CA CYS A 175 -24.40 1.43 4.21
C CYS A 175 -23.02 1.38 3.55
N LEU A 176 -22.96 1.90 2.31
CA LEU A 176 -21.70 2.13 1.63
C LEU A 176 -21.13 3.48 2.08
N ARG A 177 -19.87 3.48 2.54
CA ARG A 177 -19.23 4.67 3.07
C ARG A 177 -18.61 5.47 1.93
N LYS A 178 -19.46 6.21 1.19
CA LYS A 178 -18.99 7.00 0.06
C LYS A 178 -18.09 8.15 0.53
N ASP A 179 -18.26 8.58 1.78
CA ASP A 179 -17.38 9.60 2.35
C ASP A 179 -15.94 9.09 2.34
N ALA A 180 -15.73 7.84 2.80
CA ALA A 180 -14.40 7.26 2.86
C ALA A 180 -13.87 6.98 1.46
N VAL A 181 -14.78 6.63 0.53
CA VAL A 181 -14.40 6.41 -0.87
C VAL A 181 -13.88 7.71 -1.47
N ALA A 182 -14.65 8.79 -1.31
CA ALA A 182 -14.27 10.07 -1.89
C ALA A 182 -12.97 10.58 -1.26
N ALA A 183 -12.84 10.42 0.06
CA ALA A 183 -11.65 10.85 0.76
C ALA A 183 -10.44 10.08 0.24
N SER A 184 -10.63 8.79 -0.02
CA SER A 184 -9.56 7.93 -0.53
C SER A 184 -9.09 8.41 -1.90
N ILE A 185 -10.04 8.79 -2.77
CA ILE A 185 -9.69 9.31 -4.08
C ILE A 185 -8.82 10.55 -3.93
N GLN A 186 -9.23 11.45 -3.02
CA GLN A 186 -8.55 12.72 -2.83
C GLN A 186 -7.11 12.50 -2.34
N LYS A 187 -6.92 11.51 -1.45
CA LYS A 187 -5.60 11.21 -0.93
C LYS A 187 -4.74 10.56 -2.00
N ILE A 188 -5.32 9.63 -2.78
CA ILE A 188 -4.58 8.96 -3.85
C ILE A 188 -4.15 9.98 -4.90
N GLU A 189 -5.01 10.98 -5.19
CA GLU A 189 -4.69 11.94 -6.23
C GLU A 189 -3.38 12.67 -5.91
N LYS A 190 -3.10 12.90 -4.62
CA LYS A 190 -1.87 13.57 -4.21
C LYS A 190 -0.67 12.65 -4.44
N ILE A 191 -0.83 11.36 -4.18
CA ILE A 191 0.23 10.40 -4.45
C ILE A 191 0.48 10.34 -5.96
N LEU A 192 -0.62 10.33 -6.74
N LEU A 192 -0.61 10.35 -6.74
CA LEU A 192 -0.53 10.29 -8.19
CA LEU A 192 -0.51 10.27 -8.19
C LEU A 192 0.26 11.50 -8.68
C LEU A 192 0.22 11.51 -8.73
N GLN A 193 -0.05 12.69 -8.14
CA GLN A 193 0.64 13.90 -8.53
C GLN A 193 2.14 13.80 -8.22
N TRP A 194 2.50 13.16 -7.10
CA TRP A 194 3.91 12.92 -6.80
C TRP A 194 4.55 12.08 -7.90
N PHE A 195 3.86 11.02 -8.31
CA PHE A 195 4.39 10.10 -9.31
C PHE A 195 4.50 10.77 -10.67
N GLU A 196 3.63 11.75 -10.95
CA GLU A 196 3.65 12.42 -12.24
C GLU A 196 4.73 13.49 -12.29
N ASN A 197 5.42 13.71 -11.16
CA ASN A 197 6.43 14.75 -11.05
C ASN A 197 7.75 14.20 -10.53
N GLN A 198 8.02 12.90 -10.74
CA GLN A 198 9.32 12.33 -10.41
C GLN A 198 9.70 11.27 -11.44
N LYS A 199 11.00 11.18 -11.73
CA LYS A 199 11.56 10.19 -12.64
C LYS A 199 12.87 9.63 -12.09
N GLN A 200 12.90 9.31 -10.79
CA GLN A 200 14.12 8.85 -10.16
C GLN A 200 13.92 7.53 -9.42
N LEU A 201 12.66 7.11 -9.21
CA LEU A 201 12.35 5.87 -8.49
C LEU A 201 11.22 5.13 -9.22
N ASN A 202 11.38 3.81 -9.33
CA ASN A 202 10.32 2.93 -9.81
C ASN A 202 10.04 1.90 -8.72
N PHE A 203 8.76 1.63 -8.48
CA PHE A 203 8.30 0.84 -7.33
C PHE A 203 7.61 -0.43 -7.81
N TYR A 204 8.18 -1.60 -7.47
CA TYR A 204 7.57 -2.87 -7.81
C TYR A 204 7.12 -3.59 -6.54
N ALA A 205 5.94 -4.21 -6.59
CA ALA A 205 5.40 -5.00 -5.49
C ALA A 205 5.24 -4.16 -4.22
N SER A 206 5.04 -2.84 -4.37
N SER A 206 5.02 -2.84 -4.40
CA SER A 206 4.76 -1.99 -3.23
CA SER A 206 4.75 -1.93 -3.31
C SER A 206 3.25 -1.75 -3.17
C SER A 206 3.24 -1.82 -3.13
N SER A 207 2.79 -1.28 -2.00
CA SER A 207 1.37 -1.24 -1.67
C SER A 207 0.93 0.15 -1.21
N LEU A 208 -0.39 0.35 -1.28
CA LEU A 208 -1.07 1.41 -0.55
C LEU A 208 -1.82 0.78 0.61
N LEU A 209 -1.67 1.39 1.79
CA LEU A 209 -2.44 1.02 2.96
C LEU A 209 -3.54 2.05 3.14
N PHE A 210 -4.79 1.59 3.03
CA PHE A 210 -5.99 2.39 3.22
C PHE A 210 -6.50 2.18 4.63
N VAL A 211 -6.79 3.27 5.35
CA VAL A 211 -7.42 3.14 6.66
C VAL A 211 -8.55 4.17 6.75
N TYR A 212 -9.74 3.72 7.18
CA TYR A 212 -10.80 4.66 7.54
C TYR A 212 -11.43 4.25 8.87
N GLU A 213 -12.16 5.20 9.46
CA GLU A 213 -12.79 5.02 10.76
C GLU A 213 -14.12 4.29 10.60
N GLY A 214 -14.22 3.09 11.20
CA GLY A 214 -15.42 2.28 11.10
C GLY A 214 -16.52 2.72 12.08
N SER A 215 -16.11 3.18 13.25
CA SER A 215 -17.06 3.61 14.28
C SER A 215 -17.53 5.03 13.99
N GLY A 221 -17.11 8.40 10.90
CA GLY A 221 -15.99 9.36 10.91
C GLY A 221 -15.37 9.55 9.53
N GLY A 222 -15.11 10.83 9.17
CA GLY A 222 -14.62 11.18 7.85
C GLY A 222 -13.11 11.04 7.68
N GLU A 223 -12.41 10.59 8.73
CA GLU A 223 -10.96 10.53 8.76
C GLU A 223 -10.47 9.36 7.91
N VAL A 224 -9.47 9.62 7.04
CA VAL A 224 -8.97 8.61 6.13
C VAL A 224 -7.44 8.73 5.96
N GLU A 225 -6.76 7.58 5.96
CA GLU A 225 -5.34 7.50 5.62
C GLU A 225 -5.15 6.66 4.36
N VAL A 226 -4.23 7.12 3.53
CA VAL A 226 -3.79 6.31 2.38
C VAL A 226 -2.25 6.51 2.37
N ARG A 227 -1.51 5.45 2.73
CA ARG A 227 -0.08 5.56 2.73
C ARG A 227 0.66 4.45 1.92
N MET A 228 1.77 4.87 1.31
CA MET A 228 2.61 3.94 0.58
C MET A 228 3.40 3.11 1.59
N ILE A 229 3.47 1.78 1.36
CA ILE A 229 4.25 0.86 2.19
C ILE A 229 4.93 -0.19 1.32
N ASP A 230 5.90 -0.88 1.92
CA ASP A 230 6.50 -2.12 1.43
C ASP A 230 7.43 -1.84 0.26
N PHE A 231 8.71 -1.61 0.58
CA PHE A 231 9.66 -1.02 -0.36
C PHE A 231 10.86 -1.93 -0.61
N ALA A 232 10.62 -3.25 -0.66
CA ALA A 232 11.67 -4.23 -0.89
C ALA A 232 12.09 -4.28 -2.36
N HIS A 233 11.33 -3.64 -3.27
CA HIS A 233 11.66 -3.68 -4.69
C HIS A 233 11.51 -2.30 -5.32
N VAL A 234 12.11 -1.29 -4.68
CA VAL A 234 12.17 0.06 -5.23
C VAL A 234 13.55 0.28 -5.83
N PHE A 235 13.59 0.78 -7.06
CA PHE A 235 14.85 0.88 -7.80
C PHE A 235 15.06 2.30 -8.32
N PRO A 236 16.32 2.75 -8.47
CA PRO A 236 16.61 4.01 -9.16
C PRO A 236 16.18 3.87 -10.62
N SER A 237 15.73 4.99 -11.21
CA SER A 237 15.19 4.98 -12.55
C SER A 237 15.48 6.30 -13.25
N ASN A 238 15.28 6.31 -14.58
CA ASN A 238 15.42 7.49 -15.42
C ASN A 238 14.10 7.84 -16.07
N THR A 239 13.02 7.15 -15.67
CA THR A 239 11.75 7.22 -16.38
C THR A 239 10.61 7.30 -15.37
N ILE A 240 9.46 7.80 -15.86
CA ILE A 240 8.19 7.73 -15.15
C ILE A 240 7.91 6.27 -14.78
N ASP A 241 7.37 6.06 -13.58
CA ASP A 241 6.88 4.75 -13.17
C ASP A 241 5.51 4.53 -13.80
N GLU A 242 5.48 4.11 -15.07
CA GLU A 242 4.25 4.08 -15.84
C GLU A 242 3.31 2.99 -15.32
N GLY A 243 3.87 1.88 -14.84
CA GLY A 243 3.08 0.80 -14.27
C GLY A 243 2.33 1.25 -13.01
N TYR A 244 3.02 2.02 -12.16
CA TYR A 244 2.44 2.49 -10.91
C TYR A 244 1.34 3.50 -11.25
N VAL A 245 1.63 4.40 -12.19
CA VAL A 245 0.65 5.40 -12.62
C VAL A 245 -0.60 4.70 -13.16
N TYR A 246 -0.45 3.72 -14.07
CA TYR A 246 -1.58 2.99 -14.62
C TYR A 246 -2.43 2.43 -13.49
N GLY A 247 -1.77 1.81 -12.50
CA GLY A 247 -2.46 1.24 -11.36
C GLY A 247 -3.23 2.27 -10.54
N LEU A 248 -2.60 3.41 -10.24
CA LEU A 248 -3.25 4.45 -9.45
C LEU A 248 -4.49 4.95 -10.19
N LYS A 249 -4.31 5.22 -11.49
CA LYS A 249 -5.38 5.76 -12.33
C LYS A 249 -6.55 4.78 -12.38
N HIS A 250 -6.26 3.49 -12.58
CA HIS A 250 -7.31 2.49 -12.63
C HIS A 250 -8.01 2.40 -11.28
N LEU A 251 -7.24 2.41 -10.18
CA LEU A 251 -7.83 2.33 -8.85
C LEU A 251 -8.74 3.53 -8.59
N ILE A 252 -8.30 4.73 -8.98
CA ILE A 252 -9.12 5.93 -8.84
C ILE A 252 -10.42 5.78 -9.64
N SER A 253 -10.33 5.22 -10.85
N SER A 253 -10.33 5.22 -10.85
CA SER A 253 -11.47 5.06 -11.72
CA SER A 253 -11.48 5.06 -11.72
C SER A 253 -12.50 4.12 -11.10
C SER A 253 -12.51 4.11 -11.10
N VAL A 254 -12.02 3.04 -10.47
CA VAL A 254 -12.88 2.09 -9.78
C VAL A 254 -13.56 2.78 -8.60
N LEU A 255 -12.79 3.50 -7.78
CA LEU A 255 -13.34 4.22 -6.64
C LEU A 255 -14.38 5.24 -7.11
N ARG A 256 -14.09 5.94 -8.22
CA ARG A 256 -15.00 6.92 -8.77
C ARG A 256 -16.33 6.27 -9.17
N SER A 257 -16.26 5.09 -9.79
CA SER A 257 -17.45 4.37 -10.21
C SER A 257 -18.30 3.98 -9.00
N ILE A 258 -17.65 3.65 -7.87
CA ILE A 258 -18.35 3.22 -6.67
C ILE A 258 -19.18 4.37 -6.10
N LEU A 259 -18.76 5.62 -6.32
CA LEU A 259 -19.51 6.78 -5.86
C LEU A 259 -20.86 6.87 -6.57
N ASP A 260 -21.07 6.10 -7.66
CA ASP A 260 -22.33 6.13 -8.38
C ASP A 260 -23.27 4.99 -7.95
N ASN A 261 -22.87 4.21 -6.94
CA ASN A 261 -23.64 3.05 -6.51
C ASN A 261 -25.00 3.50 -5.93
#